data_8BT9
#
_entry.id   8BT9
#
_cell.length_a   137.690
_cell.length_b   137.690
_cell.length_c   51.301
_cell.angle_alpha   90.000
_cell.angle_beta   90.000
_cell.angle_gamma   120.000
#
_symmetry.space_group_name_H-M   'P 32 2 1'
#
loop_
_entity.id
_entity.type
_entity.pdbx_description
1 polymer 'S-layer protein'
2 non-polymer NICOTINAMIDE
3 water water
#
_entity_poly.entity_id   1
_entity_poly.type   'polypeptide(L)'
_entity_poly.pdbx_seq_one_letter_code
;MGNVNFYDVTSGATVTNGAVSVNADNQGQVNVANVVAAINSKYFAAQYADKKLNTRTANTEDAIKAALKDQKIDVNSVGY
FKAPHTFTVNVKATSNTNGKSATLPVVVTVPNLEHHHHHH
;
_entity_poly.pdbx_strand_id   A,C,B
#
# COMPACT_ATOMS: atom_id res chain seq x y z
N GLY A 2 11.17 4.62 14.16
CA GLY A 2 11.77 3.92 15.30
C GLY A 2 11.13 2.56 15.54
N ASN A 3 9.78 2.52 15.55
CA ASN A 3 9.02 1.30 15.77
C ASN A 3 9.09 0.43 14.51
N VAL A 4 8.98 -0.88 14.72
CA VAL A 4 8.70 -1.79 13.63
C VAL A 4 7.24 -1.57 13.24
N ASN A 5 7.01 -1.44 11.92
CA ASN A 5 5.67 -1.51 11.38
C ASN A 5 5.61 -2.63 10.33
N PHE A 6 4.37 -3.00 9.97
CA PHE A 6 4.12 -3.87 8.84
C PHE A 6 3.61 -3.02 7.69
N TYR A 7 3.95 -3.48 6.48
CA TYR A 7 3.71 -2.77 5.25
C TYR A 7 3.20 -3.73 4.19
N ASP A 8 2.36 -3.23 3.29
CA ASP A 8 2.01 -3.90 2.05
C ASP A 8 3.22 -3.97 1.12
N VAL A 9 3.61 -5.17 0.69
CA VAL A 9 4.79 -5.36 -0.14
C VAL A 9 4.66 -4.54 -1.43
N THR A 10 3.48 -4.51 -2.06
CA THR A 10 3.38 -3.94 -3.41
C THR A 10 3.28 -2.40 -3.36
N SER A 11 2.46 -1.82 -2.48
CA SER A 11 2.26 -0.36 -2.39
C SER A 11 3.23 0.31 -1.40
N GLY A 12 3.69 -0.40 -0.36
CA GLY A 12 4.53 0.18 0.67
C GLY A 12 3.72 0.89 1.76
N ALA A 13 2.39 0.87 1.67
CA ALA A 13 1.53 1.45 2.69
C ALA A 13 1.57 0.61 3.98
N THR A 14 1.53 1.30 5.11
CA THR A 14 1.50 0.69 6.42
C THR A 14 0.20 -0.05 6.65
N VAL A 15 0.26 -1.20 7.34
CA VAL A 15 -0.95 -1.95 7.62
C VAL A 15 -0.98 -2.37 9.09
N THR A 16 -2.21 -2.48 9.57
CA THR A 16 -2.54 -2.82 10.94
C THR A 16 -3.20 -4.18 10.99
N ASN A 17 -3.88 -4.52 9.89
CA ASN A 17 -4.58 -5.80 9.74
C ASN A 17 -4.21 -6.37 8.36
N GLY A 18 -4.14 -7.69 8.29
CA GLY A 18 -3.84 -8.33 7.03
C GLY A 18 -4.84 -9.45 6.75
N ALA A 19 -4.84 -9.93 5.50
CA ALA A 19 -5.66 -11.07 5.12
C ALA A 19 -5.04 -11.74 3.89
N VAL A 20 -5.02 -13.06 3.85
CA VAL A 20 -4.67 -13.80 2.65
C VAL A 20 -5.62 -14.97 2.47
N SER A 21 -5.66 -15.45 1.22
CA SER A 21 -6.36 -16.69 0.91
C SER A 21 -5.36 -17.74 0.41
N VAL A 22 -5.57 -19.00 0.83
CA VAL A 22 -4.80 -20.14 0.39
C VAL A 22 -5.77 -21.26 0.01
N ASN A 23 -5.65 -21.79 -1.20
CA ASN A 23 -6.46 -22.93 -1.63
C ASN A 23 -5.88 -24.23 -1.02
N ALA A 24 -6.73 -25.10 -0.49
CA ALA A 24 -6.33 -26.42 -0.05
C ALA A 24 -6.20 -27.36 -1.25
N ASP A 25 -5.60 -28.55 -1.07
CA ASP A 25 -5.73 -29.58 -2.08
C ASP A 25 -7.13 -30.21 -2.01
N ASN A 26 -7.39 -31.15 -2.90
CA ASN A 26 -8.72 -31.73 -3.05
C ASN A 26 -9.11 -32.54 -1.81
N GLN A 27 -8.13 -32.96 -0.99
CA GLN A 27 -8.40 -33.60 0.29
C GLN A 27 -8.46 -32.63 1.48
N GLY A 28 -8.48 -31.31 1.23
CA GLY A 28 -8.66 -30.32 2.31
C GLY A 28 -7.38 -30.09 3.12
N GLN A 29 -6.21 -30.44 2.58
CA GLN A 29 -4.94 -30.23 3.24
C GLN A 29 -4.22 -28.99 2.68
N VAL A 30 -3.45 -28.36 3.54
CA VAL A 30 -2.64 -27.20 3.23
C VAL A 30 -1.30 -27.46 3.89
N ASN A 31 -0.25 -26.92 3.28
CA ASN A 31 1.06 -26.95 3.89
C ASN A 31 1.39 -25.57 4.47
N VAL A 32 1.99 -25.57 5.67
CA VAL A 32 2.40 -24.34 6.32
C VAL A 32 3.26 -23.50 5.38
N ALA A 33 4.13 -24.14 4.57
CA ALA A 33 5.07 -23.38 3.73
C ALA A 33 4.29 -22.52 2.73
N ASN A 34 3.09 -22.96 2.30
CA ASN A 34 2.30 -22.20 1.35
C ASN A 34 1.63 -21.00 2.05
N VAL A 35 1.29 -21.15 3.33
CA VAL A 35 0.74 -20.04 4.10
C VAL A 35 1.82 -18.98 4.34
N VAL A 36 3.02 -19.43 4.74
CA VAL A 36 4.19 -18.58 4.89
C VAL A 36 4.40 -17.77 3.62
N ALA A 37 4.43 -18.44 2.45
CA ALA A 37 4.73 -17.77 1.19
C ALA A 37 3.65 -16.72 0.91
N ALA A 38 2.36 -17.07 1.12
CA ALA A 38 1.28 -16.14 0.86
C ALA A 38 1.42 -14.88 1.74
N ILE A 39 1.65 -15.07 3.05
CA ILE A 39 1.74 -13.95 3.98
C ILE A 39 2.97 -13.08 3.68
N ASN A 40 4.14 -13.71 3.53
CA ASN A 40 5.38 -13.00 3.35
C ASN A 40 5.48 -12.34 1.97
N SER A 41 4.77 -12.84 0.96
N SER A 41 4.77 -12.86 0.96
CA SER A 41 4.75 -12.18 -0.33
CA SER A 41 4.70 -12.19 -0.35
C SER A 41 3.87 -10.92 -0.28
C SER A 41 3.88 -10.91 -0.26
N LYS A 42 2.93 -10.87 0.65
N LYS A 42 2.93 -10.86 0.66
CA LYS A 42 1.94 -9.80 0.66
C LYS A 42 2.36 -8.69 1.64
N TYR A 43 2.98 -9.08 2.76
CA TYR A 43 3.24 -8.16 3.88
C TYR A 43 4.66 -8.36 4.35
N PHE A 44 5.32 -7.25 4.72
CA PHE A 44 6.66 -7.29 5.32
C PHE A 44 6.73 -6.30 6.49
N ALA A 45 7.75 -6.47 7.33
CA ALA A 45 7.99 -5.66 8.50
C ALA A 45 9.26 -4.85 8.25
N ALA A 46 9.26 -3.59 8.70
CA ALA A 46 10.45 -2.77 8.60
C ALA A 46 10.45 -1.72 9.71
N GLN A 47 11.65 -1.30 10.06
CA GLN A 47 11.92 -0.17 10.93
C GLN A 47 12.27 1.01 10.02
N TYR A 48 11.52 2.10 10.16
CA TYR A 48 11.72 3.26 9.32
C TYR A 48 12.68 4.20 10.05
N ALA A 49 13.73 4.68 9.36
CA ALA A 49 14.54 5.78 9.87
C ALA A 49 15.29 6.41 8.72
N ASP A 50 15.44 7.75 8.74
CA ASP A 50 16.42 8.44 7.92
C ASP A 50 16.11 8.17 6.45
N LYS A 51 14.83 8.33 6.07
CA LYS A 51 14.35 8.16 4.70
C LYS A 51 14.59 6.74 4.18
N LYS A 52 14.64 5.76 5.08
CA LYS A 52 15.04 4.41 4.70
C LYS A 52 14.19 3.37 5.42
N LEU A 53 13.81 2.29 4.71
CA LEU A 53 13.16 1.14 5.34
C LEU A 53 14.21 0.08 5.61
N ASN A 54 14.26 -0.41 6.87
CA ASN A 54 15.19 -1.47 7.24
C ASN A 54 14.36 -2.71 7.58
N THR A 55 14.35 -3.70 6.66
CA THR A 55 13.44 -4.84 6.78
C THR A 55 13.79 -5.64 8.04
N ARG A 56 12.75 -6.19 8.66
CA ARG A 56 12.89 -7.04 9.83
C ARG A 56 12.20 -8.38 9.52
N THR A 57 12.83 -9.49 9.88
CA THR A 57 12.28 -10.83 9.71
C THR A 57 11.10 -11.03 10.67
N ALA A 58 10.02 -11.59 10.14
CA ALA A 58 8.84 -11.94 10.93
C ALA A 58 8.91 -13.43 11.27
N ASN A 59 8.13 -13.82 12.28
CA ASN A 59 8.10 -15.20 12.76
C ASN A 59 6.96 -15.97 12.11
N THR A 60 6.73 -15.76 10.81
CA THR A 60 5.51 -16.22 10.15
C THR A 60 5.24 -17.71 10.37
N GLU A 61 6.25 -18.57 10.18
CA GLU A 61 6.06 -20.02 10.29
C GLU A 61 5.57 -20.42 11.71
N ASP A 62 6.30 -19.96 12.73
CA ASP A 62 5.95 -20.19 14.12
C ASP A 62 4.56 -19.66 14.46
N ALA A 63 4.23 -18.48 13.92
CA ALA A 63 2.95 -17.88 14.21
C ALA A 63 1.84 -18.74 13.61
N ILE A 64 2.06 -19.31 12.41
CA ILE A 64 1.05 -20.14 11.78
C ILE A 64 0.79 -21.38 12.64
N LYS A 65 1.86 -22.05 13.04
CA LYS A 65 1.73 -23.28 13.81
C LYS A 65 1.05 -23.01 15.16
N ALA A 66 1.38 -21.87 15.77
CA ALA A 66 0.76 -21.51 17.05
C ALA A 66 -0.71 -21.18 16.85
N ALA A 67 -1.09 -20.52 15.74
CA ALA A 67 -2.50 -20.23 15.53
C ALA A 67 -3.27 -21.54 15.35
N LEU A 68 -2.69 -22.47 14.58
CA LEU A 68 -3.35 -23.73 14.33
C LEU A 68 -3.49 -24.54 15.63
N LYS A 69 -2.43 -24.65 16.41
CA LYS A 69 -2.46 -25.34 17.69
C LYS A 69 -3.54 -24.73 18.61
N ASP A 70 -3.72 -23.39 18.63
CA ASP A 70 -4.77 -22.78 19.42
C ASP A 70 -6.15 -23.18 18.91
N GLN A 71 -6.31 -23.53 17.63
CA GLN A 71 -7.56 -24.09 17.13
C GLN A 71 -7.55 -25.63 17.22
N LYS A 72 -6.57 -26.23 17.90
CA LYS A 72 -6.49 -27.66 18.12
C LYS A 72 -6.23 -28.45 16.82
N ILE A 73 -5.50 -27.82 15.92
CA ILE A 73 -5.11 -28.39 14.64
C ILE A 73 -3.61 -28.69 14.68
N ASP A 74 -3.27 -30.00 14.54
CA ASP A 74 -1.89 -30.43 14.50
C ASP A 74 -1.38 -30.36 13.05
N VAL A 75 -0.07 -30.15 12.98
CA VAL A 75 0.72 -30.06 11.75
C VAL A 75 1.78 -31.15 11.85
N ASN A 76 2.05 -31.88 10.76
CA ASN A 76 3.05 -32.93 10.83
C ASN A 76 4.42 -32.35 10.47
N SER A 77 5.45 -33.19 10.57
CA SER A 77 6.85 -32.80 10.47
C SER A 77 7.17 -32.20 9.09
N VAL A 78 6.35 -32.48 8.08
CA VAL A 78 6.59 -31.93 6.75
C VAL A 78 5.67 -30.74 6.47
N GLY A 79 4.86 -30.31 7.46
CA GLY A 79 4.15 -29.06 7.41
C GLY A 79 2.69 -29.18 6.95
N TYR A 80 2.16 -30.41 6.80
CA TYR A 80 0.78 -30.55 6.34
C TYR A 80 -0.19 -30.54 7.53
N PHE A 81 -1.39 -30.03 7.27
CA PHE A 81 -2.49 -30.02 8.22
C PHE A 81 -3.79 -30.04 7.42
N LYS A 82 -4.84 -30.46 8.12
CA LYS A 82 -6.21 -30.30 7.64
C LYS A 82 -6.69 -28.89 7.98
N ALA A 83 -6.97 -28.10 6.93
CA ALA A 83 -7.23 -26.68 7.09
C ALA A 83 -8.61 -26.42 7.70
N PRO A 84 -8.79 -25.41 8.56
CA PRO A 84 -10.13 -24.86 8.84
C PRO A 84 -10.48 -23.86 7.75
N HIS A 85 -11.75 -23.45 7.72
N HIS A 85 -11.76 -23.44 7.70
CA HIS A 85 -12.20 -22.43 6.78
CA HIS A 85 -12.18 -22.41 6.75
C HIS A 85 -11.41 -21.15 7.01
C HIS A 85 -11.38 -21.15 7.00
N THR A 86 -11.06 -20.83 8.26
N THR A 86 -11.06 -20.83 8.26
CA THR A 86 -10.38 -19.59 8.58
C THR A 86 -9.59 -19.75 9.87
N PHE A 87 -8.45 -19.08 9.95
CA PHE A 87 -7.67 -18.96 11.17
C PHE A 87 -6.90 -17.66 11.09
N THR A 88 -6.59 -17.09 12.27
CA THR A 88 -5.94 -15.79 12.36
C THR A 88 -4.51 -15.98 12.84
N VAL A 89 -3.54 -15.43 12.11
CA VAL A 89 -2.14 -15.59 12.45
C VAL A 89 -1.60 -14.24 12.97
N ASN A 90 -0.95 -14.25 14.12
CA ASN A 90 -0.40 -13.04 14.73
C ASN A 90 1.07 -12.99 14.38
N VAL A 91 1.36 -12.35 13.25
CA VAL A 91 2.72 -12.30 12.73
C VAL A 91 3.48 -11.21 13.48
N LYS A 92 4.63 -11.58 14.03
CA LYS A 92 5.41 -10.70 14.88
C LYS A 92 6.78 -10.45 14.26
N ALA A 93 7.21 -9.19 14.29
CA ALA A 93 8.58 -8.80 14.01
C ALA A 93 9.07 -7.91 15.15
N THR A 94 10.35 -8.03 15.55
CA THR A 94 10.92 -7.32 16.67
C THR A 94 11.88 -6.22 16.19
N SER A 95 12.06 -5.20 17.05
CA SER A 95 12.95 -4.06 16.82
C SER A 95 14.40 -4.40 17.20
N ASN A 96 15.32 -3.50 16.86
CA ASN A 96 16.75 -3.63 17.16
C ASN A 96 17.14 -2.78 18.37
N THR A 97 16.43 -1.66 18.54
CA THR A 97 16.86 -0.57 19.39
C THR A 97 16.16 -0.66 20.75
N SER A 101 8.51 -4.08 19.24
CA SER A 101 7.89 -5.12 18.38
C SER A 101 6.56 -4.68 17.79
N ALA A 102 6.19 -5.34 16.70
CA ALA A 102 4.92 -5.13 16.02
C ALA A 102 4.31 -6.49 15.71
N THR A 103 2.98 -6.59 15.84
CA THR A 103 2.22 -7.76 15.53
C THR A 103 1.19 -7.40 14.47
N LEU A 104 1.16 -8.17 13.35
CA LEU A 104 0.15 -8.03 12.33
C LEU A 104 -0.79 -9.22 12.39
N PRO A 105 -2.05 -9.04 12.83
CA PRO A 105 -3.05 -10.09 12.73
C PRO A 105 -3.45 -10.28 11.26
N VAL A 106 -3.18 -11.48 10.74
CA VAL A 106 -3.51 -11.84 9.37
C VAL A 106 -4.56 -12.94 9.40
N VAL A 107 -5.75 -12.63 8.87
CA VAL A 107 -6.79 -13.62 8.70
C VAL A 107 -6.47 -14.44 7.44
N VAL A 108 -6.29 -15.74 7.63
CA VAL A 108 -6.12 -16.68 6.52
C VAL A 108 -7.44 -17.39 6.23
N THR A 109 -7.92 -17.23 4.99
CA THR A 109 -9.09 -17.95 4.53
C THR A 109 -8.68 -19.10 3.59
N VAL A 110 -9.29 -20.27 3.78
CA VAL A 110 -9.12 -21.41 2.89
C VAL A 110 -10.48 -21.62 2.21
N PRO A 111 -10.69 -21.04 1.01
CA PRO A 111 -12.04 -20.84 0.51
C PRO A 111 -12.65 -22.03 -0.22
N ASN A 112 -11.90 -23.12 -0.47
CA ASN A 112 -12.32 -24.16 -1.39
C ASN A 112 -12.52 -25.49 -0.68
N LEU A 113 -12.97 -25.44 0.60
CA LEU A 113 -13.23 -26.64 1.36
C LEU A 113 -14.66 -27.10 1.07
N GLU A 114 -14.88 -28.42 0.97
CA GLU A 114 -16.13 -28.94 0.40
C GLU A 114 -17.33 -28.65 1.33
N ASN B 3 -2.41 -22.31 -23.69
CA ASN B 3 -0.97 -22.03 -23.96
C ASN B 3 -0.54 -20.71 -23.28
N VAL B 4 -1.46 -19.76 -23.14
CA VAL B 4 -1.32 -18.77 -22.07
C VAL B 4 -1.61 -19.51 -20.76
N ASN B 5 -0.76 -19.32 -19.75
CA ASN B 5 -1.03 -19.85 -18.42
C ASN B 5 -1.00 -18.73 -17.39
N PHE B 6 -1.63 -19.01 -16.24
CA PHE B 6 -1.51 -18.12 -15.10
C PHE B 6 -0.58 -18.78 -14.07
N TYR B 7 0.16 -17.92 -13.37
CA TYR B 7 1.23 -18.31 -12.49
C TYR B 7 1.13 -17.52 -11.19
N ASP B 8 1.45 -18.22 -10.09
CA ASP B 8 1.33 -17.68 -8.75
C ASP B 8 2.68 -17.06 -8.44
N VAL B 9 2.71 -15.74 -8.24
CA VAL B 9 3.89 -15.04 -7.77
C VAL B 9 4.44 -15.67 -6.48
N THR B 10 3.58 -16.13 -5.56
CA THR B 10 4.01 -16.68 -4.25
C THR B 10 4.65 -18.08 -4.34
N SER B 11 4.45 -18.85 -5.42
CA SER B 11 5.11 -20.14 -5.62
C SER B 11 5.94 -20.19 -6.91
N GLY B 12 5.57 -19.44 -7.94
CA GLY B 12 6.19 -19.58 -9.26
C GLY B 12 5.49 -20.62 -10.16
N ALA B 13 4.62 -21.42 -9.54
CA ALA B 13 3.93 -22.49 -10.18
C ALA B 13 2.74 -21.91 -10.95
N THR B 14 2.41 -22.62 -12.02
CA THR B 14 1.17 -22.52 -12.77
C THR B 14 -0.02 -22.75 -11.84
N VAL B 15 -1.10 -22.01 -12.09
CA VAL B 15 -2.32 -22.18 -11.31
C VAL B 15 -3.54 -22.19 -12.23
N THR B 16 -4.56 -22.92 -11.82
CA THR B 16 -5.80 -23.09 -12.57
C THR B 16 -6.96 -22.45 -11.80
N ASN B 17 -6.70 -22.19 -10.52
CA ASN B 17 -7.67 -21.57 -9.62
C ASN B 17 -6.89 -20.59 -8.75
N GLY B 18 -7.48 -19.44 -8.47
CA GLY B 18 -6.85 -18.47 -7.61
C GLY B 18 -7.76 -18.08 -6.46
N ALA B 19 -7.17 -17.39 -5.48
CA ALA B 19 -7.92 -16.86 -4.36
C ALA B 19 -7.18 -15.67 -3.80
N VAL B 20 -7.91 -14.59 -3.43
CA VAL B 20 -7.33 -13.51 -2.67
C VAL B 20 -8.30 -13.07 -1.58
N SER B 21 -7.72 -12.47 -0.55
CA SER B 21 -8.50 -11.82 0.49
C SER B 21 -8.28 -10.31 0.44
N VAL B 22 -9.36 -9.54 0.62
CA VAL B 22 -9.31 -8.09 0.70
C VAL B 22 -10.14 -7.66 1.92
N ASN B 23 -9.55 -6.83 2.79
CA ASN B 23 -10.25 -6.29 3.94
C ASN B 23 -11.15 -5.13 3.49
N ALA B 24 -12.41 -5.12 3.95
CA ALA B 24 -13.31 -3.99 3.76
C ALA B 24 -12.98 -2.89 4.75
N ASP B 25 -13.51 -1.69 4.54
CA ASP B 25 -13.39 -0.65 5.57
C ASP B 25 -14.46 -0.89 6.65
N ASN B 26 -14.53 0.02 7.63
CA ASN B 26 -15.45 -0.01 8.78
C ASN B 26 -16.90 -0.21 8.36
N GLN B 27 -17.23 0.41 7.22
CA GLN B 27 -18.59 0.39 6.70
C GLN B 27 -18.83 -0.75 5.71
N GLY B 28 -17.90 -1.72 5.57
CA GLY B 28 -18.12 -2.89 4.72
C GLY B 28 -18.01 -2.58 3.23
N GLN B 29 -17.27 -1.51 2.91
CA GLN B 29 -17.00 -1.11 1.54
C GLN B 29 -15.58 -1.50 1.12
N VAL B 30 -15.46 -1.84 -0.16
CA VAL B 30 -14.20 -2.21 -0.77
C VAL B 30 -14.11 -1.38 -2.04
N ASN B 31 -12.90 -0.98 -2.42
CA ASN B 31 -12.69 -0.38 -3.74
C ASN B 31 -12.17 -1.41 -4.74
N VAL B 32 -12.70 -1.35 -5.97
CA VAL B 32 -12.28 -2.21 -7.07
C VAL B 32 -10.77 -2.14 -7.23
N ALA B 33 -10.16 -0.96 -7.04
CA ALA B 33 -8.74 -0.79 -7.28
C ALA B 33 -7.95 -1.69 -6.33
N ASN B 34 -8.46 -1.96 -5.13
CA ASN B 34 -7.73 -2.77 -4.17
C ASN B 34 -7.91 -4.25 -4.51
N VAL B 35 -9.01 -4.64 -5.15
CA VAL B 35 -9.17 -6.01 -5.62
C VAL B 35 -8.22 -6.26 -6.80
N VAL B 36 -8.16 -5.31 -7.75
CA VAL B 36 -7.21 -5.33 -8.84
C VAL B 36 -5.80 -5.54 -8.30
N ALA B 37 -5.40 -4.71 -7.32
CA ALA B 37 -4.03 -4.75 -6.83
C ALA B 37 -3.74 -6.12 -6.18
N ALA B 38 -4.69 -6.63 -5.40
CA ALA B 38 -4.54 -7.91 -4.73
C ALA B 38 -4.36 -9.04 -5.76
N ILE B 39 -5.23 -9.08 -6.77
CA ILE B 39 -5.18 -10.12 -7.79
C ILE B 39 -3.88 -10.02 -8.61
N ASN B 40 -3.56 -8.82 -9.11
CA ASN B 40 -2.44 -8.63 -10.01
C ASN B 40 -1.10 -8.76 -9.28
N SER B 41 -1.05 -8.53 -7.98
CA SER B 41 0.19 -8.76 -7.22
C SER B 41 0.45 -10.26 -7.04
N LYS B 42 -0.61 -11.06 -7.06
CA LYS B 42 -0.47 -12.46 -6.67
C LYS B 42 -0.34 -13.35 -7.91
N TYR B 43 -1.02 -12.98 -8.99
CA TYR B 43 -1.14 -13.81 -10.17
C TYR B 43 -0.77 -12.98 -11.40
N PHE B 44 -0.08 -13.65 -12.33
CA PHE B 44 0.16 -13.08 -13.65
C PHE B 44 -0.07 -14.16 -14.72
N ALA B 45 -0.28 -13.69 -15.95
CA ALA B 45 -0.48 -14.54 -17.11
C ALA B 45 0.72 -14.38 -18.04
N ALA B 46 1.15 -15.47 -18.66
CA ALA B 46 2.19 -15.41 -19.67
C ALA B 46 2.08 -16.57 -20.65
N GLN B 47 2.57 -16.30 -21.87
CA GLN B 47 2.78 -17.31 -22.88
C GLN B 47 4.27 -17.68 -22.87
N TYR B 48 4.55 -18.98 -22.79
CA TYR B 48 5.92 -19.45 -22.73
C TYR B 48 6.48 -19.68 -24.15
N ALA B 49 7.72 -19.24 -24.40
CA ALA B 49 8.50 -19.73 -25.54
C ALA B 49 9.99 -19.55 -25.27
N ASP B 50 10.79 -20.56 -25.62
CA ASP B 50 12.24 -20.49 -25.57
C ASP B 50 12.73 -20.12 -24.18
N LYS B 51 12.23 -20.82 -23.15
CA LYS B 51 12.61 -20.61 -21.76
C LYS B 51 12.33 -19.18 -21.29
N LYS B 52 11.34 -18.52 -21.90
CA LYS B 52 11.07 -17.11 -21.66
C LYS B 52 9.56 -16.92 -21.52
N LEU B 53 9.18 -16.03 -20.60
CA LEU B 53 7.79 -15.71 -20.36
C LEU B 53 7.47 -14.42 -21.10
N ASN B 54 6.37 -14.45 -21.86
CA ASN B 54 5.85 -13.23 -22.48
C ASN B 54 4.55 -12.90 -21.76
N THR B 55 4.63 -11.89 -20.87
CA THR B 55 3.52 -11.55 -20.00
C THR B 55 2.35 -11.07 -20.86
N ARG B 56 1.15 -11.45 -20.44
CA ARG B 56 -0.07 -11.06 -21.10
C ARG B 56 -0.93 -10.35 -20.06
N THR B 57 -1.44 -9.17 -20.43
CA THR B 57 -2.29 -8.37 -19.56
C THR B 57 -3.63 -9.05 -19.39
N ALA B 58 -4.11 -9.05 -18.13
CA ALA B 58 -5.41 -9.61 -17.80
C ALA B 58 -6.43 -8.47 -17.76
N ASN B 59 -7.70 -8.84 -17.91
CA ASN B 59 -8.81 -7.90 -17.88
C ASN B 59 -9.35 -7.74 -16.45
N THR B 60 -8.47 -7.68 -15.45
CA THR B 60 -8.83 -7.95 -14.05
C THR B 60 -9.91 -6.95 -13.60
N GLU B 61 -9.76 -5.66 -13.92
CA GLU B 61 -10.71 -4.64 -13.49
C GLU B 61 -12.11 -4.87 -14.08
N ASP B 62 -12.19 -5.05 -15.39
CA ASP B 62 -13.43 -5.39 -16.09
C ASP B 62 -14.08 -6.67 -15.56
N ALA B 63 -13.26 -7.68 -15.24
CA ALA B 63 -13.78 -8.94 -14.72
C ALA B 63 -14.41 -8.70 -13.35
N ILE B 64 -13.78 -7.85 -12.52
CA ILE B 64 -14.31 -7.57 -11.19
C ILE B 64 -15.69 -6.89 -11.34
N LYS B 65 -15.78 -5.89 -12.21
CA LYS B 65 -17.02 -5.14 -12.36
C LYS B 65 -18.12 -6.04 -12.91
N ALA B 66 -17.78 -6.93 -13.83
CA ALA B 66 -18.74 -7.87 -14.37
C ALA B 66 -19.20 -8.86 -13.30
N ALA B 67 -18.29 -9.33 -12.43
CA ALA B 67 -18.71 -10.25 -11.39
C ALA B 67 -19.67 -9.55 -10.43
N LEU B 68 -19.36 -8.30 -10.09
CA LEU B 68 -20.20 -7.55 -9.16
C LEU B 68 -21.57 -7.22 -9.74
N LYS B 69 -21.60 -6.81 -11.01
CA LYS B 69 -22.85 -6.62 -11.75
C LYS B 69 -23.70 -7.89 -11.68
N ASP B 70 -23.10 -9.08 -11.90
CA ASP B 70 -23.86 -10.31 -11.90
C ASP B 70 -24.40 -10.62 -10.51
N GLN B 71 -23.77 -10.12 -9.44
CA GLN B 71 -24.31 -10.25 -8.09
C GLN B 71 -25.29 -9.12 -7.77
N LYS B 72 -25.56 -8.22 -8.73
CA LYS B 72 -26.43 -7.07 -8.51
C LYS B 72 -25.86 -6.13 -7.44
N ILE B 73 -24.54 -5.97 -7.47
CA ILE B 73 -23.84 -5.06 -6.58
C ILE B 73 -23.33 -3.88 -7.41
N ASP B 74 -23.79 -2.67 -7.01
CA ASP B 74 -23.43 -1.42 -7.67
C ASP B 74 -22.06 -0.95 -7.19
N VAL B 75 -21.31 -0.41 -8.16
CA VAL B 75 -20.03 0.24 -7.94
C VAL B 75 -20.20 1.71 -8.31
N ASN B 76 -19.73 2.62 -7.46
CA ASN B 76 -19.88 4.05 -7.75
C ASN B 76 -18.71 4.52 -8.61
N SER B 77 -18.76 5.78 -9.03
CA SER B 77 -17.87 6.30 -10.06
C SER B 77 -16.42 6.36 -9.57
N VAL B 78 -16.20 6.30 -8.26
CA VAL B 78 -14.85 6.27 -7.73
C VAL B 78 -14.41 4.85 -7.32
N GLY B 79 -15.24 3.83 -7.61
CA GLY B 79 -14.83 2.43 -7.54
C GLY B 79 -15.23 1.68 -6.26
N TYR B 80 -16.02 2.31 -5.39
CA TYR B 80 -16.40 1.68 -4.13
C TYR B 80 -17.68 0.87 -4.32
N PHE B 81 -17.79 -0.23 -3.56
CA PHE B 81 -18.98 -1.06 -3.54
C PHE B 81 -19.15 -1.62 -2.14
N LYS B 82 -20.36 -2.09 -1.86
CA LYS B 82 -20.67 -2.87 -0.67
C LYS B 82 -20.30 -4.32 -0.95
N ALA B 83 -19.32 -4.83 -0.20
CA ALA B 83 -18.71 -6.11 -0.49
C ALA B 83 -19.60 -7.25 0.00
N PRO B 84 -19.76 -8.36 -0.76
CA PRO B 84 -20.27 -9.61 -0.19
C PRO B 84 -19.12 -10.32 0.52
N HIS B 85 -19.44 -11.36 1.30
CA HIS B 85 -18.43 -12.16 1.96
C HIS B 85 -17.50 -12.75 0.91
N THR B 86 -18.04 -13.13 -0.26
CA THR B 86 -17.24 -13.77 -1.29
C THR B 86 -17.86 -13.50 -2.66
N PHE B 87 -17.01 -13.35 -3.66
CA PHE B 87 -17.42 -13.37 -5.05
C PHE B 87 -16.28 -13.95 -5.87
N THR B 88 -16.62 -14.49 -7.04
CA THR B 88 -15.66 -15.11 -7.94
C THR B 88 -15.42 -14.20 -9.15
N VAL B 89 -14.15 -13.94 -9.46
CA VAL B 89 -13.78 -13.14 -10.62
C VAL B 89 -13.13 -14.05 -11.65
N ASN B 90 -13.59 -13.96 -12.89
CA ASN B 90 -13.04 -14.74 -13.98
C ASN B 90 -12.01 -13.88 -14.73
N VAL B 91 -10.76 -13.96 -14.29
CA VAL B 91 -9.70 -13.14 -14.85
C VAL B 91 -9.19 -13.78 -16.14
N LYS B 92 -9.18 -12.98 -17.22
CA LYS B 92 -8.93 -13.51 -18.56
C LYS B 92 -7.72 -12.79 -19.16
N ALA B 93 -6.80 -13.60 -19.69
CA ALA B 93 -5.71 -13.13 -20.54
C ALA B 93 -5.79 -13.85 -21.89
N THR B 94 -5.59 -13.09 -22.97
CA THR B 94 -5.88 -13.55 -24.33
C THR B 94 -4.59 -13.92 -25.08
N SER B 95 -4.74 -14.89 -25.99
CA SER B 95 -3.64 -15.45 -26.76
C SER B 95 -3.49 -14.70 -28.08
N ASN B 96 -2.59 -15.17 -28.98
CA ASN B 96 -2.53 -14.72 -30.38
C ASN B 96 -3.28 -15.72 -31.28
N GLY B 99 -2.56 -21.23 -29.51
CA GLY B 99 -2.89 -21.49 -28.09
C GLY B 99 -4.14 -20.76 -27.65
N LYS B 100 -4.88 -21.36 -26.71
CA LYS B 100 -6.11 -20.77 -26.20
C LYS B 100 -5.78 -19.58 -25.29
N SER B 101 -6.73 -18.63 -25.19
CA SER B 101 -6.90 -17.76 -24.03
C SER B 101 -6.99 -18.60 -22.75
N ALA B 102 -6.78 -17.92 -21.61
CA ALA B 102 -6.96 -18.57 -20.32
C ALA B 102 -7.80 -17.68 -19.44
N THR B 103 -8.76 -18.31 -18.75
CA THR B 103 -9.53 -17.65 -17.71
C THR B 103 -9.23 -18.31 -16.39
N LEU B 104 -8.77 -17.51 -15.40
CA LEU B 104 -8.49 -17.97 -14.06
C LEU B 104 -9.63 -17.51 -13.14
N PRO B 105 -10.46 -18.45 -12.66
CA PRO B 105 -11.41 -18.13 -11.58
C PRO B 105 -10.65 -17.83 -10.28
N VAL B 106 -10.86 -16.60 -9.79
CA VAL B 106 -10.27 -16.14 -8.54
C VAL B 106 -11.38 -15.87 -7.54
N VAL B 107 -11.40 -16.65 -6.45
CA VAL B 107 -12.33 -16.44 -5.36
C VAL B 107 -11.81 -15.31 -4.48
N VAL B 108 -12.58 -14.22 -4.40
CA VAL B 108 -12.25 -13.08 -3.55
C VAL B 108 -13.05 -13.18 -2.25
N THR B 109 -12.35 -13.30 -1.13
CA THR B 109 -12.97 -13.29 0.17
C THR B 109 -12.76 -11.93 0.86
N VAL B 110 -13.83 -11.41 1.45
CA VAL B 110 -13.77 -10.22 2.30
C VAL B 110 -14.03 -10.69 3.72
N PRO B 111 -12.98 -10.95 4.51
CA PRO B 111 -13.13 -11.72 5.75
C PRO B 111 -13.61 -10.94 6.97
N ASN B 112 -13.77 -9.60 6.87
CA ASN B 112 -13.88 -8.77 8.08
C ASN B 112 -15.18 -7.97 8.09
N LEU B 113 -16.34 -8.56 7.74
CA LEU B 113 -17.57 -7.76 7.60
C LEU B 113 -18.35 -7.58 8.92
N ASN C 3 3.20 7.44 -8.47
CA ASN C 3 4.16 6.41 -7.98
C ASN C 3 5.26 7.09 -7.15
N VAL C 4 5.66 8.32 -7.49
CA VAL C 4 6.30 9.19 -6.52
C VAL C 4 5.24 9.59 -5.49
N ASN C 5 5.57 9.45 -4.20
CA ASN C 5 4.76 10.01 -3.14
C ASN C 5 5.60 10.96 -2.28
N PHE C 6 4.91 11.74 -1.46
CA PHE C 6 5.54 12.51 -0.40
C PHE C 6 5.28 11.81 0.92
N TYR C 7 6.25 11.97 1.82
CA TYR C 7 6.34 11.26 3.08
C TYR C 7 6.79 12.24 4.17
N ASP C 8 6.39 11.97 5.41
CA ASP C 8 6.92 12.64 6.57
C ASP C 8 8.35 12.16 6.87
N VAL C 9 9.30 13.09 6.98
CA VAL C 9 10.69 12.75 7.18
C VAL C 9 10.87 11.88 8.43
N THR C 10 10.18 12.21 9.52
CA THR C 10 10.46 11.53 10.80
C THR C 10 9.71 10.20 10.93
N SER C 11 8.41 10.13 10.56
CA SER C 11 7.61 8.91 10.69
C SER C 11 7.69 7.99 9.47
N GLY C 12 7.93 8.54 8.28
CA GLY C 12 7.93 7.75 7.07
C GLY C 12 6.54 7.56 6.49
N ALA C 13 5.51 8.11 7.15
CA ALA C 13 4.13 7.95 6.67
C ALA C 13 3.95 8.82 5.43
N THR C 14 3.14 8.31 4.52
CA THR C 14 2.72 9.03 3.31
C THR C 14 1.90 10.25 3.71
N VAL C 15 2.07 11.35 2.95
CA VAL C 15 1.35 12.59 3.21
C VAL C 15 0.68 13.02 1.90
N THR C 16 -0.61 13.37 1.99
CA THR C 16 -1.36 13.96 0.89
C THR C 16 -1.28 15.50 0.88
N ASN C 17 -1.53 16.14 2.05
CA ASN C 17 -1.42 17.59 2.16
C ASN C 17 -0.60 17.92 3.39
N GLY C 18 0.41 18.77 3.20
CA GLY C 18 1.33 19.13 4.27
C GLY C 18 0.97 20.49 4.83
N ALA C 19 1.64 20.85 5.93
CA ALA C 19 1.44 22.16 6.55
C ALA C 19 2.63 22.47 7.46
N VAL C 20 3.07 23.73 7.45
CA VAL C 20 4.19 24.20 8.25
C VAL C 20 3.84 25.63 8.71
N SER C 21 4.52 26.02 9.77
CA SER C 21 4.50 27.37 10.31
C SER C 21 5.89 27.99 10.22
N VAL C 22 5.98 29.28 9.85
CA VAL C 22 7.22 30.01 9.69
C VAL C 22 7.04 31.41 10.30
N ASN C 23 7.90 31.77 11.25
CA ASN C 23 7.80 33.05 11.96
C ASN C 23 8.41 34.16 11.10
N ALA C 24 7.77 35.33 11.08
CA ALA C 24 8.30 36.53 10.45
C ALA C 24 9.26 37.23 11.41
N ASP C 25 10.10 38.12 10.87
CA ASP C 25 10.96 38.94 11.72
C ASP C 25 10.12 40.11 12.26
N ASN C 26 10.76 41.02 13.02
CA ASN C 26 10.08 42.15 13.66
C ASN C 26 9.39 43.06 12.66
N GLN C 27 9.88 43.09 11.42
CA GLN C 27 9.31 43.91 10.36
C GLN C 27 8.27 43.15 9.52
N GLY C 28 7.91 41.89 9.90
CA GLY C 28 6.88 41.16 9.17
C GLY C 28 7.37 40.60 7.82
N GLN C 29 8.68 40.39 7.75
CA GLN C 29 9.30 39.77 6.59
C GLN C 29 9.67 38.31 6.89
N VAL C 30 9.59 37.49 5.84
CA VAL C 30 9.92 36.08 5.90
C VAL C 30 10.88 35.89 4.75
N ASN C 31 11.86 35.00 4.95
CA ASN C 31 12.75 34.66 3.87
C ASN C 31 12.35 33.32 3.24
N VAL C 32 12.43 33.25 1.91
CA VAL C 32 12.19 32.03 1.17
C VAL C 32 13.02 30.89 1.74
N ALA C 33 14.27 31.16 2.12
CA ALA C 33 15.17 30.12 2.57
C ALA C 33 14.59 29.43 3.81
N ASN C 34 13.86 30.15 4.67
CA ASN C 34 13.30 29.59 5.89
C ASN C 34 12.09 28.73 5.55
N VAL C 35 11.33 29.08 4.51
CA VAL C 35 10.21 28.27 4.04
C VAL C 35 10.71 26.99 3.40
N VAL C 36 11.74 27.07 2.56
CA VAL C 36 12.41 25.91 1.97
C VAL C 36 12.81 24.96 3.07
N ALA C 37 13.54 25.49 4.08
CA ALA C 37 14.08 24.62 5.12
C ALA C 37 12.93 23.97 5.92
N ALA C 38 11.87 24.74 6.22
CA ALA C 38 10.73 24.22 6.98
C ALA C 38 10.08 23.03 6.24
N ILE C 39 9.82 23.22 4.95
CA ILE C 39 9.17 22.20 4.14
C ILE C 39 10.07 20.98 3.97
N ASN C 40 11.33 21.19 3.55
CA ASN C 40 12.22 20.10 3.22
C ASN C 40 12.68 19.34 4.46
N SER C 41 12.66 19.97 5.65
N SER C 41 12.68 19.97 5.64
CA SER C 41 12.98 19.25 6.88
CA SER C 41 13.08 19.28 6.87
C SER C 41 11.87 18.29 7.27
C SER C 41 11.99 18.29 7.29
N LYS C 42 10.64 18.63 6.88
N LYS C 42 10.72 18.61 6.96
CA LYS C 42 9.51 17.89 7.39
CA LYS C 42 9.53 17.88 7.41
C LYS C 42 9.06 16.83 6.39
N TYR C 43 9.21 17.10 5.08
CA TYR C 43 8.63 16.29 4.03
C TYR C 43 9.71 15.96 3.00
N PHE C 44 9.62 14.74 2.46
CA PHE C 44 10.47 14.31 1.36
C PHE C 44 9.65 13.49 0.35
N ALA C 45 10.20 13.35 -0.86
CA ALA C 45 9.54 12.62 -1.94
C ALA C 45 10.34 11.36 -2.21
N ALA C 46 9.65 10.27 -2.54
CA ALA C 46 10.32 9.03 -2.87
C ALA C 46 9.43 8.19 -3.77
N GLN C 47 10.08 7.32 -4.55
CA GLN C 47 9.42 6.25 -5.28
C GLN C 47 9.60 4.98 -4.46
N TYR C 48 8.51 4.30 -4.15
CA TYR C 48 8.56 3.06 -3.39
C TYR C 48 8.64 1.89 -4.38
N ALA C 49 9.58 0.96 -4.17
CA ALA C 49 9.58 -0.33 -4.88
C ALA C 49 10.45 -1.34 -4.13
N ASP C 50 10.01 -2.60 -4.09
CA ASP C 50 10.83 -3.70 -3.62
C ASP C 50 11.31 -3.45 -2.21
N LYS C 51 10.37 -3.06 -1.32
CA LYS C 51 10.67 -2.84 0.09
C LYS C 51 11.69 -1.71 0.29
N LYS C 52 11.75 -0.77 -0.67
CA LYS C 52 12.80 0.22 -0.64
C LYS C 52 12.24 1.59 -1.05
N LEU C 53 12.71 2.65 -0.38
CA LEU C 53 12.38 4.02 -0.76
C LEU C 53 13.53 4.61 -1.58
N ASN C 54 13.20 5.17 -2.74
CA ASN C 54 14.18 5.82 -3.60
C ASN C 54 13.87 7.32 -3.64
N THR C 55 14.66 8.13 -2.94
CA THR C 55 14.34 9.55 -2.76
C THR C 55 14.40 10.28 -4.10
N ARG C 56 13.50 11.28 -4.25
CA ARG C 56 13.43 12.11 -5.44
C ARG C 56 13.50 13.58 -5.00
N THR C 57 14.13 14.41 -5.83
CA THR C 57 14.29 15.83 -5.57
C THR C 57 12.98 16.57 -5.75
N ALA C 58 12.67 17.45 -4.81
CA ALA C 58 11.52 18.34 -4.90
C ALA C 58 11.98 19.73 -5.32
N ASN C 59 11.08 20.47 -5.97
CA ASN C 59 11.39 21.79 -6.51
C ASN C 59 10.98 22.89 -5.51
N THR C 60 11.28 22.69 -4.22
CA THR C 60 10.62 23.46 -3.16
C THR C 60 10.78 24.97 -3.37
N GLU C 61 12.00 25.43 -3.66
CA GLU C 61 12.25 26.87 -3.77
C GLU C 61 11.44 27.49 -4.93
N ASP C 62 11.50 26.89 -6.12
CA ASP C 62 10.70 27.28 -7.26
C ASP C 62 9.20 27.26 -6.99
N ALA C 63 8.72 26.25 -6.25
CA ALA C 63 7.30 26.18 -5.91
C ALA C 63 6.92 27.36 -5.02
N ILE C 64 7.77 27.71 -4.06
CA ILE C 64 7.49 28.84 -3.17
C ILE C 64 7.41 30.14 -3.98
N LYS C 65 8.38 30.36 -4.87
CA LYS C 65 8.41 31.60 -5.65
C LYS C 65 7.20 31.68 -6.59
N ALA C 66 6.79 30.54 -7.17
CA ALA C 66 5.60 30.52 -7.99
C ALA C 66 4.34 30.78 -7.16
N ALA C 67 4.26 30.25 -5.94
CA ALA C 67 3.10 30.54 -5.11
C ALA C 67 3.04 32.04 -4.78
N LEU C 68 4.18 32.63 -4.46
CA LEU C 68 4.24 34.04 -4.08
C LEU C 68 3.92 34.95 -5.26
N LYS C 69 4.48 34.66 -6.44
CA LYS C 69 4.10 35.34 -7.66
C LYS C 69 2.60 35.31 -7.90
N ASP C 70 1.95 34.15 -7.73
CA ASP C 70 0.52 34.03 -7.98
C ASP C 70 -0.28 34.84 -6.96
N GLN C 71 0.26 35.11 -5.76
CA GLN C 71 -0.40 36.00 -4.82
C GLN C 71 0.00 37.46 -5.09
N LYS C 72 0.81 37.74 -6.13
CA LYS C 72 1.31 39.08 -6.43
C LYS C 72 2.19 39.62 -5.30
N ILE C 73 2.98 38.72 -4.70
CA ILE C 73 3.89 39.09 -3.63
C ILE C 73 5.31 39.04 -4.19
N ASP C 74 5.96 40.22 -4.11
CA ASP C 74 7.31 40.43 -4.58
C ASP C 74 8.30 39.94 -3.53
N VAL C 75 9.36 39.28 -4.06
CA VAL C 75 10.46 38.77 -3.26
C VAL C 75 11.70 39.52 -3.74
N ASN C 76 12.54 39.99 -2.81
CA ASN C 76 13.71 40.75 -3.19
C ASN C 76 14.86 39.77 -3.44
N SER C 77 15.97 40.31 -3.90
CA SER C 77 17.10 39.55 -4.41
C SER C 77 17.74 38.70 -3.32
N VAL C 78 17.53 39.04 -2.04
CA VAL C 78 18.09 38.23 -0.96
C VAL C 78 17.00 37.32 -0.32
N GLY C 79 15.80 37.25 -0.92
CA GLY C 79 14.81 36.23 -0.61
C GLY C 79 13.73 36.66 0.37
N TYR C 80 13.67 37.94 0.72
CA TYR C 80 12.71 38.40 1.71
C TYR C 80 11.43 38.84 1.00
N PHE C 81 10.31 38.66 1.68
CA PHE C 81 9.02 39.08 1.20
C PHE C 81 8.20 39.46 2.41
N LYS C 82 7.15 40.24 2.14
CA LYS C 82 6.16 40.66 3.12
C LYS C 82 5.18 39.50 3.30
N ALA C 83 5.11 38.97 4.52
CA ALA C 83 4.39 37.71 4.67
C ALA C 83 2.88 37.96 4.62
N PRO C 84 2.11 37.26 3.74
CA PRO C 84 0.67 37.11 3.93
C PRO C 84 0.44 36.13 5.07
N HIS C 85 -0.78 36.06 5.58
CA HIS C 85 -1.01 35.24 6.76
C HIS C 85 -0.78 33.77 6.45
N THR C 86 -1.32 33.29 5.31
N THR C 86 -1.31 33.27 5.29
CA THR C 86 -1.22 31.87 4.99
CA THR C 86 -1.42 31.83 5.02
C THR C 86 -1.39 31.69 3.49
C THR C 86 -1.61 31.47 3.53
N PHE C 87 -0.61 30.79 2.92
N PHE C 87 -0.60 30.84 2.92
CA PHE C 87 -0.60 30.56 1.48
C PHE C 87 -0.23 29.11 1.24
N THR C 88 -0.59 28.60 0.07
CA THR C 88 -0.35 27.20 -0.29
C THR C 88 0.79 27.09 -1.30
N VAL C 89 1.76 26.20 -1.04
CA VAL C 89 2.85 25.94 -1.96
C VAL C 89 2.67 24.54 -2.56
N ASN C 90 2.73 24.42 -3.88
CA ASN C 90 2.55 23.14 -4.57
C ASN C 90 3.90 22.53 -4.90
N VAL C 91 4.44 21.75 -3.97
CA VAL C 91 5.78 21.18 -4.13
C VAL C 91 5.71 19.95 -5.03
N LYS C 92 6.56 19.91 -6.05
CA LYS C 92 6.58 18.86 -7.05
C LYS C 92 7.87 18.06 -7.03
N ALA C 93 7.72 16.76 -7.30
CA ALA C 93 8.85 15.86 -7.45
C ALA C 93 8.58 15.02 -8.69
N THR C 94 9.61 14.69 -9.47
CA THR C 94 9.41 14.01 -10.75
C THR C 94 9.77 12.52 -10.66
N SER C 95 9.13 11.68 -11.49
CA SER C 95 9.37 10.24 -11.50
C SER C 95 10.50 9.87 -12.47
N ASN C 96 11.28 8.83 -12.15
CA ASN C 96 12.29 8.30 -13.06
C ASN C 96 11.66 7.30 -14.03
N THR C 97 10.89 6.34 -13.47
CA THR C 97 10.19 5.33 -14.26
C THR C 97 9.55 5.96 -15.51
N SER C 101 4.81 11.23 -11.07
CA SER C 101 5.20 12.63 -10.71
C SER C 101 4.10 13.21 -9.80
N ALA C 102 4.51 13.81 -8.68
CA ALA C 102 3.63 14.01 -7.54
C ALA C 102 3.77 15.45 -7.03
N THR C 103 2.64 15.96 -6.51
CA THR C 103 2.53 17.29 -5.94
C THR C 103 2.14 17.14 -4.48
N LEU C 104 2.87 17.80 -3.58
CA LEU C 104 2.41 17.98 -2.21
C LEU C 104 2.02 19.45 -2.02
N PRO C 105 0.71 19.74 -1.91
CA PRO C 105 0.29 21.05 -1.42
C PRO C 105 0.73 21.18 0.04
N VAL C 106 1.44 22.26 0.31
CA VAL C 106 1.86 22.60 1.67
C VAL C 106 1.26 23.95 2.02
N VAL C 107 0.47 24.01 3.10
CA VAL C 107 0.00 25.23 3.70
C VAL C 107 1.09 25.84 4.57
N VAL C 108 1.49 27.08 4.25
CA VAL C 108 2.47 27.80 5.05
C VAL C 108 1.78 28.95 5.79
N THR C 109 1.82 28.92 7.12
CA THR C 109 1.23 30.01 7.88
C THR C 109 2.33 30.76 8.65
N VAL C 110 2.15 32.09 8.78
CA VAL C 110 3.03 32.96 9.52
C VAL C 110 2.28 33.41 10.77
N PRO C 111 2.56 32.76 11.93
CA PRO C 111 1.72 32.90 13.12
C PRO C 111 1.80 34.24 13.84
N ASN C 112 2.91 34.99 13.69
CA ASN C 112 3.03 36.31 14.29
C ASN C 112 2.13 37.35 13.60
N LEU C 113 1.43 36.96 12.52
CA LEU C 113 0.65 37.88 11.70
C LEU C 113 -0.83 37.47 11.63
N GLU C 114 -1.29 36.65 12.61
CA GLU C 114 -2.66 36.15 12.67
C GLU C 114 -3.54 37.23 13.31
N HIS C 115 -4.74 37.45 12.75
CA HIS C 115 -5.68 38.49 13.21
C HIS C 115 -6.26 38.14 14.59
N HIS C 116 -6.47 36.83 14.83
CA HIS C 116 -6.98 36.29 16.07
C HIS C 116 -5.86 35.54 16.81
N HIS C 117 -5.91 35.57 18.15
CA HIS C 117 -4.85 35.07 19.02
C HIS C 117 -5.39 35.04 20.47
N HIS C 118 -5.09 33.98 21.24
CA HIS C 118 -5.55 33.89 22.62
C HIS C 118 -4.84 34.92 23.50
N HIS C 119 -3.57 35.21 23.17
CA HIS C 119 -2.73 36.17 23.88
C HIS C 119 -3.42 37.53 23.97
N HIS C 120 -3.00 38.34 24.96
CA HIS C 120 -3.57 39.65 25.22
C HIS C 120 -2.49 40.71 24.97
#